data_3MBL
#
_entry.id   3MBL
#
_cell.length_a   81.982
_cell.length_b   81.982
_cell.length_c   129.928
_cell.angle_alpha   90.00
_cell.angle_beta   90.00
_cell.angle_gamma   120.00
#
_symmetry.space_group_name_H-M   'P 62'
#
loop_
_entity.id
_entity.type
_entity.pdbx_description
1 polymer 'Dual specificity mitogen-activated protein kinase kinase 1'
2 non-polymer "ADENOSINE-5'-DIPHOSPHATE"
3 non-polymer 'MAGNESIUM ION'
4 non-polymer 5-acetyl-2-[(2-fluoro-4-iodophenyl)amino]-N-(2-hydroxyethoxy)-1-methyl-1H-pyrrole-3-carboxamide
5 water water
#
_entity_poly.entity_id   1
_entity_poly.type   'polypeptide(L)'
_entity_poly.pdbx_seq_one_letter_code
;MELKDDDFEKISELGAGNGGVVFKVSHKPSGLVMARKLIHLEIKPAIRNQIIRELQVLHECNSPYIVGFYGAFYSDGEIS
ICMEHMDGGSLDQVLKKAGRIPEQILGKVSIAVIKGLTYLREKHKIMHRDVKPSNILVNSRGEIKLCDFGVSGQLIDSMA
NSFVGTRSYMSPERLQGTHYSVQSDIWSMGLSLVEMAVGRYPIPPPDAKELELMFGCQVEGDAAETPPRPRTPGRPLSSY
GMDSRPPMAIFELLDYIVNEPPPKLPSGVFSLEFQDFVNKCLIKNPAERADLKQLMVHAFIKRSDAEEVDFAGWLCSTIG
LNHHHHHH
;
_entity_poly.pdbx_strand_id   A
#
loop_
_chem_comp.id
_chem_comp.type
_chem_comp.name
_chem_comp.formula
ADP non-polymer ADENOSINE-5'-DIPHOSPHATE 'C10 H15 N5 O10 P2'
LSG non-polymer 5-acetyl-2-[(2-fluoro-4-iodophenyl)amino]-N-(2-hydroxyethoxy)-1-methyl-1H-pyrrole-3-carboxamide 'C16 H17 F I N3 O4'
MG non-polymer 'MAGNESIUM ION' 'Mg 2'
#
# COMPACT_ATOMS: atom_id res chain seq x y z
N MET A 1 21.58 -17.89 2.02
CA MET A 1 21.33 -19.18 1.30
C MET A 1 20.17 -19.02 0.35
N GLU A 2 20.12 -19.89 -0.64
CA GLU A 2 19.09 -19.93 -1.70
C GLU A 2 17.76 -20.49 -1.20
N LEU A 3 16.68 -19.79 -1.42
CA LEU A 3 15.37 -20.34 -1.07
C LEU A 3 14.84 -21.26 -2.16
N LYS A 4 14.34 -22.45 -1.79
CA LYS A 4 13.62 -23.30 -2.77
C LYS A 4 12.34 -23.95 -2.21
N ASP A 5 11.46 -24.43 -3.09
CA ASP A 5 10.10 -24.87 -2.71
C ASP A 5 10.02 -25.94 -1.59
N ASP A 6 10.91 -26.93 -1.62
CA ASP A 6 10.84 -28.04 -0.63
C ASP A 6 11.38 -27.68 0.77
N ASP A 7 12.03 -26.53 0.86
CA ASP A 7 12.51 -26.04 2.10
C ASP A 7 11.44 -25.33 2.93
N PHE A 8 10.21 -25.17 2.40
CA PHE A 8 9.11 -24.46 3.10
C PHE A 8 8.06 -25.37 3.69
N GLU A 9 7.35 -24.89 4.71
CA GLU A 9 6.21 -25.63 5.29
C GLU A 9 5.10 -24.64 5.57
N LYS A 10 3.91 -24.94 5.09
CA LYS A 10 2.80 -24.01 5.20
C LYS A 10 2.42 -23.87 6.67
N ILE A 11 2.18 -22.67 7.18
CA ILE A 11 1.67 -22.52 8.54
C ILE A 11 0.18 -22.13 8.52
N SER A 12 -0.16 -21.01 7.87
CA SER A 12 -1.55 -20.66 7.61
C SER A 12 -1.64 -19.75 6.39
N GLU A 13 -2.83 -19.26 6.08
CA GLU A 13 -3.00 -18.34 4.95
C GLU A 13 -3.18 -16.90 5.46
N LEU A 14 -2.36 -15.96 4.98
CA LEU A 14 -2.45 -14.57 5.48
C LEU A 14 -3.52 -13.78 4.75
N GLY A 15 -3.73 -14.12 3.48
CA GLY A 15 -4.86 -13.62 2.73
C GLY A 15 -4.64 -13.94 1.26
N ALA A 16 -5.53 -13.39 0.42
CA ALA A 16 -5.42 -13.45 -1.07
C ALA A 16 -5.84 -12.12 -1.70
N GLY A 17 -5.39 -11.89 -2.94
CA GLY A 17 -5.85 -10.79 -3.79
C GLY A 17 -6.06 -11.33 -5.21
N ASN A 18 -5.83 -10.47 -6.21
CA ASN A 18 -5.84 -10.87 -7.64
C ASN A 18 -4.69 -11.81 -8.05
N GLY A 19 -5.04 -13.04 -8.45
CA GLY A 19 -4.09 -14.08 -8.91
C GLY A 19 -2.94 -14.49 -7.96
N GLY A 20 -2.94 -13.92 -6.74
CA GLY A 20 -1.88 -14.13 -5.69
C GLY A 20 -2.31 -14.50 -4.26
N VAL A 21 -1.87 -15.67 -3.78
CA VAL A 21 -2.12 -16.02 -2.39
C VAL A 21 -0.89 -15.78 -1.56
N VAL A 22 -1.13 -15.45 -0.30
CA VAL A 22 -0.05 -15.23 0.60
C VAL A 22 -0.13 -16.15 1.81
N PHE A 23 0.89 -16.97 1.92
CA PHE A 23 1.01 -17.85 3.06
C PHE A 23 2.00 -17.39 4.13
N LYS A 24 1.64 -17.68 5.38
CA LYS A 24 2.59 -17.64 6.49
C LYS A 24 3.27 -18.98 6.45
N VAL A 25 4.59 -18.97 6.28
CA VAL A 25 5.32 -20.19 6.15
C VAL A 25 6.57 -20.24 7.04
N SER A 26 7.10 -21.45 7.17
CA SER A 26 8.32 -21.67 7.86
C SER A 26 9.38 -22.10 6.89
N HIS A 27 10.50 -21.42 6.93
CA HIS A 27 11.63 -21.81 6.15
C HIS A 27 12.40 -22.82 6.97
N LYS A 28 12.18 -24.09 6.66
CA LYS A 28 12.73 -25.13 7.49
C LYS A 28 14.23 -25.05 7.75
N PRO A 29 15.05 -24.73 6.75
CA PRO A 29 16.47 -24.79 7.11
C PRO A 29 16.95 -23.70 8.07
N SER A 30 16.28 -22.54 8.03
CA SER A 30 16.75 -21.38 8.79
C SER A 30 16.00 -21.24 10.09
N GLY A 31 14.75 -21.70 10.07
CA GLY A 31 13.87 -21.70 11.22
C GLY A 31 12.99 -20.48 11.14
N LEU A 32 13.28 -19.61 10.16
CA LEU A 32 12.57 -18.33 9.99
C LEU A 32 11.14 -18.43 9.54
N VAL A 33 10.26 -17.58 10.07
CA VAL A 33 8.89 -17.45 9.59
C VAL A 33 8.81 -16.35 8.53
N MET A 34 8.15 -16.62 7.41
CA MET A 34 8.12 -15.65 6.32
C MET A 34 6.73 -15.57 5.79
N ALA A 35 6.45 -14.52 5.01
CA ALA A 35 5.21 -14.50 4.23
C ALA A 35 5.63 -14.86 2.83
N ARG A 36 4.93 -15.78 2.24
CA ARG A 36 5.28 -16.26 0.92
C ARG A 36 4.11 -15.96 -0.02
N LYS A 37 4.37 -15.13 -1.04
CA LYS A 37 3.35 -14.74 -1.99
C LYS A 37 3.60 -15.54 -3.26
N LEU A 38 2.51 -16.09 -3.78
CA LEU A 38 2.57 -16.95 -4.97
C LEU A 38 1.76 -16.27 -6.05
N ILE A 39 2.39 -16.11 -7.22
CA ILE A 39 1.70 -15.52 -8.37
C ILE A 39 1.63 -16.51 -9.51
N HIS A 40 0.42 -16.93 -9.82
CA HIS A 40 0.18 -17.99 -10.80
C HIS A 40 0.17 -17.35 -12.17
N LEU A 41 1.11 -17.68 -13.05
CA LEU A 41 0.99 -17.10 -14.40
C LEU A 41 1.35 -17.96 -15.60
N GLU A 42 0.48 -17.92 -16.62
CA GLU A 42 0.66 -18.63 -17.89
C GLU A 42 1.75 -17.95 -18.73
N ILE A 43 3.02 -18.21 -18.40
CA ILE A 43 4.11 -17.55 -19.10
C ILE A 43 5.28 -18.48 -19.49
N LYS A 44 5.80 -18.25 -20.70
CA LYS A 44 6.92 -19.00 -21.29
C LYS A 44 8.15 -19.07 -20.35
N PRO A 45 8.99 -20.12 -20.51
CA PRO A 45 10.14 -20.34 -19.59
C PRO A 45 11.19 -19.23 -19.64
N ALA A 46 11.24 -18.49 -20.73
CA ALA A 46 12.27 -17.49 -20.96
C ALA A 46 11.93 -16.22 -20.21
N ILE A 47 10.70 -15.76 -20.37
CA ILE A 47 10.29 -14.53 -19.72
C ILE A 47 10.22 -14.71 -18.19
N ARG A 48 9.91 -15.91 -17.72
CA ARG A 48 9.84 -16.17 -16.30
C ARG A 48 11.21 -15.94 -15.67
N ASN A 49 12.28 -16.26 -16.40
CA ASN A 49 13.62 -16.14 -15.84
C ASN A 49 14.02 -14.68 -15.84
N GLN A 50 13.49 -13.93 -16.81
CA GLN A 50 13.63 -12.48 -16.77
C GLN A 50 12.95 -11.93 -15.50
N ILE A 51 11.71 -12.36 -15.27
CA ILE A 51 10.94 -11.96 -14.10
C ILE A 51 11.72 -12.26 -12.86
N ILE A 52 12.30 -13.43 -12.79
CA ILE A 52 13.01 -13.77 -11.58
C ILE A 52 14.26 -12.91 -11.47
N ARG A 53 14.83 -12.55 -12.63
CA ARG A 53 16.12 -11.88 -12.63
C ARG A 53 15.89 -10.44 -12.24
N GLU A 54 14.79 -9.87 -12.74
CA GLU A 54 14.33 -8.54 -12.38
C GLU A 54 13.91 -8.43 -10.89
N LEU A 55 13.40 -9.51 -10.33
CA LEU A 55 13.01 -9.52 -8.91
C LEU A 55 14.18 -9.48 -7.94
N GLN A 56 15.40 -9.69 -8.43
CA GLN A 56 16.55 -9.79 -7.54
C GLN A 56 16.92 -8.42 -6.98
N VAL A 57 16.47 -7.37 -7.66
CA VAL A 57 16.81 -6.06 -7.15
C VAL A 57 16.21 -5.86 -5.76
N LEU A 58 15.23 -6.68 -5.40
CA LEU A 58 14.62 -6.54 -4.11
C LEU A 58 15.64 -6.80 -3.02
N HIS A 59 16.66 -7.62 -3.32
CA HIS A 59 17.74 -7.86 -2.33
C HIS A 59 18.40 -6.55 -1.97
N GLU A 60 18.46 -5.62 -2.92
CA GLU A 60 19.06 -4.30 -2.70
C GLU A 60 18.13 -3.23 -2.04
N CYS A 61 16.86 -3.61 -1.80
CA CYS A 61 15.89 -2.72 -1.14
C CYS A 61 15.98 -2.91 0.37
N ASN A 62 16.65 -2.01 1.06
CA ASN A 62 16.81 -2.12 2.52
C ASN A 62 16.48 -0.78 3.09
N SER A 63 15.32 -0.72 3.75
CA SER A 63 14.80 0.53 4.33
C SER A 63 13.85 0.10 5.44
N PRO A 64 13.85 0.83 6.58
CA PRO A 64 12.89 0.50 7.64
C PRO A 64 11.44 0.76 7.19
N TYR A 65 11.28 1.33 6.01
CA TYR A 65 9.96 1.66 5.50
C TYR A 65 9.52 0.74 4.31
N ILE A 66 10.20 -0.38 4.11
CA ILE A 66 9.98 -1.21 2.97
C ILE A 66 10.01 -2.57 3.54
N VAL A 67 9.01 -3.42 3.20
CA VAL A 67 9.00 -4.79 3.69
C VAL A 67 10.27 -5.56 3.30
N GLY A 68 10.86 -6.29 4.25
CA GLY A 68 12.05 -7.09 4.00
C GLY A 68 11.77 -8.13 2.94
N PHE A 69 12.81 -8.48 2.20
CA PHE A 69 12.76 -9.46 1.13
C PHE A 69 13.83 -10.50 1.39
N TYR A 70 13.44 -11.77 1.23
CA TYR A 70 14.32 -12.93 1.40
C TYR A 70 14.76 -13.56 0.08
N GLY A 71 13.86 -13.69 -0.89
CA GLY A 71 14.21 -14.17 -2.21
C GLY A 71 13.01 -14.51 -3.06
N ALA A 72 13.28 -14.79 -4.35
CA ALA A 72 12.25 -15.02 -5.34
C ALA A 72 12.64 -16.21 -6.18
N PHE A 73 11.65 -17.07 -6.48
CA PHE A 73 11.94 -18.22 -7.29
C PHE A 73 10.67 -18.73 -8.00
N TYR A 74 10.86 -19.72 -8.89
CA TYR A 74 9.77 -20.25 -9.69
C TYR A 74 9.55 -21.72 -9.36
N SER A 75 8.30 -22.14 -9.20
CA SER A 75 8.02 -23.49 -8.75
C SER A 75 6.98 -24.26 -9.59
N ASP A 76 5.70 -24.21 -9.24
CA ASP A 76 4.75 -25.09 -9.98
C ASP A 76 3.77 -24.29 -10.79
N GLY A 77 4.28 -23.63 -11.83
CA GLY A 77 3.53 -22.57 -12.48
C GLY A 77 3.36 -21.33 -11.60
N GLU A 78 4.13 -21.28 -10.50
CA GLU A 78 4.05 -20.23 -9.48
C GLU A 78 5.35 -19.42 -9.36
N ILE A 79 5.22 -18.11 -9.20
CA ILE A 79 6.39 -17.31 -8.89
C ILE A 79 6.25 -17.00 -7.44
N SER A 80 7.30 -17.29 -6.69
CA SER A 80 7.27 -17.11 -5.23
C SER A 80 8.07 -15.90 -4.90
N ILE A 81 7.43 -15.00 -4.14
CA ILE A 81 8.18 -13.92 -3.49
C ILE A 81 8.09 -14.12 -1.97
N CYS A 82 9.25 -14.19 -1.32
CA CYS A 82 9.31 -14.45 0.12
C CYS A 82 9.77 -13.23 0.85
N MET A 83 8.93 -12.76 1.77
CA MET A 83 9.13 -11.51 2.45
C MET A 83 9.16 -11.75 3.94
N GLU A 84 9.56 -10.68 4.63
CA GLU A 84 9.39 -10.56 6.08
C GLU A 84 7.91 -10.66 6.43
N HIS A 85 7.59 -11.40 7.49
CA HIS A 85 6.19 -11.58 7.87
C HIS A 85 5.80 -10.45 8.83
N MET A 86 4.75 -9.71 8.52
CA MET A 86 4.38 -8.61 9.38
C MET A 86 3.16 -9.03 10.18
N ASP A 87 3.41 -9.27 11.47
CA ASP A 87 2.45 -9.88 12.37
C ASP A 87 1.25 -8.99 12.64
N GLY A 88 1.35 -7.75 12.20
CA GLY A 88 0.27 -6.79 12.35
C GLY A 88 -0.68 -6.76 11.18
N GLY A 89 -0.34 -7.42 10.07
CA GLY A 89 -1.15 -7.37 8.87
C GLY A 89 -1.03 -6.05 8.13
N SER A 90 -2.00 -5.82 7.24
CA SER A 90 -2.11 -4.59 6.48
C SER A 90 -3.10 -3.69 7.16
N LEU A 91 -3.04 -2.44 6.76
CA LEU A 91 -3.86 -1.41 7.30
C LEU A 91 -5.32 -1.52 6.95
N ASP A 92 -5.67 -2.12 5.81
CA ASP A 92 -7.08 -2.46 5.63
C ASP A 92 -7.58 -3.47 6.64
N GLN A 93 -6.74 -4.43 7.03
CA GLN A 93 -7.17 -5.40 8.04
C GLN A 93 -7.31 -4.66 9.37
N VAL A 94 -6.34 -3.78 9.64
CA VAL A 94 -6.33 -3.00 10.84
C VAL A 94 -7.57 -2.10 10.90
N LEU A 95 -7.86 -1.38 9.83
CA LEU A 95 -9.08 -0.57 9.71
C LEU A 95 -10.34 -1.38 9.96
N LYS A 96 -10.33 -2.64 9.57
CA LYS A 96 -11.54 -3.43 9.69
C LYS A 96 -11.85 -3.72 11.15
N LYS A 97 -10.81 -4.02 11.93
CA LYS A 97 -10.97 -4.24 13.38
C LYS A 97 -11.14 -2.92 14.13
N ALA A 98 -10.43 -1.87 13.72
CA ALA A 98 -10.43 -0.56 14.40
C ALA A 98 -11.59 0.36 14.04
N GLY A 99 -12.22 0.11 12.90
CA GLY A 99 -13.32 0.96 12.46
C GLY A 99 -12.84 2.25 11.81
N ARG A 100 -11.90 2.94 12.44
CA ARG A 100 -11.48 4.27 12.01
C ARG A 100 -10.11 4.44 12.61
N ILE A 101 -9.18 4.99 11.85
CA ILE A 101 -7.84 5.20 12.40
C ILE A 101 -7.61 6.63 12.88
N PRO A 102 -7.09 6.80 14.13
CA PRO A 102 -6.93 8.18 14.62
C PRO A 102 -5.94 9.01 13.81
N GLU A 103 -6.23 10.30 13.68
CA GLU A 103 -5.31 11.27 13.07
C GLU A 103 -3.83 11.20 13.47
N GLN A 104 -3.59 11.13 14.76
CA GLN A 104 -2.22 11.11 15.24
C GLN A 104 -1.50 9.91 14.62
N ILE A 105 -2.20 8.79 14.56
CA ILE A 105 -1.65 7.58 13.95
C ILE A 105 -1.53 7.69 12.43
N LEU A 106 -2.54 8.23 11.78
CA LEU A 106 -2.39 8.44 10.34
C LEU A 106 -1.16 9.30 10.05
N GLY A 107 -0.82 10.18 11.02
CA GLY A 107 0.36 11.02 10.93
C GLY A 107 1.59 10.16 10.75
N LYS A 108 1.68 9.10 11.55
CA LYS A 108 2.84 8.22 11.45
C LYS A 108 2.82 7.38 10.17
N VAL A 109 1.62 6.94 9.77
CA VAL A 109 1.49 6.21 8.58
C VAL A 109 1.97 7.11 7.46
N SER A 110 1.57 8.37 7.48
CA SER A 110 1.89 9.25 6.35
C SER A 110 3.39 9.44 6.21
N ILE A 111 4.09 9.49 7.33
CA ILE A 111 5.52 9.69 7.32
C ILE A 111 6.20 8.46 6.75
N ALA A 112 5.77 7.29 7.22
CA ALA A 112 6.30 6.04 6.68
C ALA A 112 6.03 5.89 5.16
N VAL A 113 4.90 6.35 4.67
CA VAL A 113 4.66 6.19 3.26
C VAL A 113 5.54 7.11 2.45
N ILE A 114 5.62 8.34 2.87
CA ILE A 114 6.41 9.31 2.16
C ILE A 114 7.86 8.89 2.18
N LYS A 115 8.29 8.34 3.32
CA LYS A 115 9.70 8.00 3.45
C LYS A 115 10.02 6.79 2.59
N GLY A 116 9.02 5.89 2.46
CA GLY A 116 9.18 4.70 1.62
C GLY A 116 9.14 5.02 0.13
N LEU A 117 8.24 5.91 -0.28
CA LEU A 117 8.17 6.28 -1.69
C LEU A 117 9.46 7.00 -2.08
N THR A 118 10.01 7.75 -1.11
CA THR A 118 11.19 8.58 -1.36
C THR A 118 12.35 7.61 -1.55
N TYR A 119 12.37 6.57 -0.70
CA TYR A 119 13.45 5.63 -0.77
C TYR A 119 13.45 4.95 -2.12
N LEU A 120 12.26 4.48 -2.54
CA LEU A 120 12.19 3.79 -3.81
C LEU A 120 12.61 4.67 -4.99
N ARG A 121 12.19 5.94 -4.96
CA ARG A 121 12.52 6.88 -6.03
C ARG A 121 14.00 7.23 -6.02
N GLU A 122 14.53 7.62 -4.87
CA GLU A 122 15.90 8.09 -4.81
C GLU A 122 16.90 6.99 -5.04
N LYS A 123 16.70 5.83 -4.43
CA LYS A 123 17.71 4.78 -4.49
C LYS A 123 17.49 3.80 -5.61
N HIS A 124 16.23 3.64 -6.03
CA HIS A 124 15.92 2.68 -7.09
C HIS A 124 15.26 3.23 -8.39
N LYS A 125 14.80 4.46 -8.36
CA LYS A 125 14.29 5.10 -9.58
C LYS A 125 13.00 4.46 -9.98
N ILE A 126 12.18 4.11 -9.02
CA ILE A 126 10.89 3.55 -9.32
C ILE A 126 9.74 4.09 -8.49
N MET A 127 8.57 4.08 -9.10
CA MET A 127 7.38 4.42 -8.41
C MET A 127 6.77 3.21 -7.79
N HIS A 128 5.83 3.41 -6.89
CA HIS A 128 5.21 2.27 -6.26
C HIS A 128 4.25 1.53 -7.21
N ARG A 129 3.21 2.25 -7.66
CA ARG A 129 2.18 1.77 -8.59
C ARG A 129 0.97 1.15 -7.97
N ASP A 130 1.01 0.91 -6.67
CA ASP A 130 -0.08 0.23 -6.02
C ASP A 130 -0.12 0.58 -4.55
N VAL A 131 -0.23 1.87 -4.28
CA VAL A 131 -0.35 2.32 -2.90
C VAL A 131 -1.78 2.20 -2.54
N LYS A 132 -2.04 1.46 -1.47
CA LYS A 132 -3.37 1.31 -0.90
C LYS A 132 -3.24 0.68 0.49
N PRO A 133 -4.31 0.75 1.35
CA PRO A 133 -4.15 0.22 2.70
C PRO A 133 -3.61 -1.21 2.78
N SER A 134 -4.01 -2.07 1.88
CA SER A 134 -3.61 -3.47 2.00
C SER A 134 -2.13 -3.69 1.67
N ASN A 135 -1.49 -2.72 1.03
CA ASN A 135 -0.08 -2.82 0.74
C ASN A 135 0.75 -1.95 1.74
N ILE A 136 0.13 -1.55 2.84
CA ILE A 136 0.86 -0.96 3.95
C ILE A 136 0.74 -1.90 5.12
N LEU A 137 1.86 -2.50 5.46
CA LEU A 137 1.94 -3.51 6.48
C LEU A 137 2.55 -2.93 7.77
N VAL A 138 2.12 -3.45 8.91
CA VAL A 138 2.50 -2.92 10.21
C VAL A 138 2.85 -4.11 11.07
N ASN A 139 3.64 -3.91 12.13
CA ASN A 139 3.98 -5.03 13.02
C ASN A 139 4.00 -4.63 14.47
N SER A 140 4.23 -5.60 15.35
CA SER A 140 4.16 -5.39 16.79
C SER A 140 5.33 -4.57 17.29
N ARG A 141 6.42 -4.51 16.54
CA ARG A 141 7.46 -3.66 17.05
C ARG A 141 7.29 -2.25 16.55
N GLY A 142 6.13 -1.98 15.93
CA GLY A 142 5.67 -0.60 15.65
C GLY A 142 6.02 -0.03 14.29
N GLU A 143 6.59 -0.89 13.45
CA GLU A 143 7.07 -0.48 12.16
C GLU A 143 5.96 -0.45 11.12
N ILE A 144 6.10 0.48 10.17
CA ILE A 144 5.13 0.69 9.11
C ILE A 144 5.86 0.60 7.76
N LYS A 145 5.42 -0.33 6.91
CA LYS A 145 6.20 -0.67 5.75
C LYS A 145 5.35 -0.88 4.51
N LEU A 146 5.90 -0.48 3.36
CA LEU A 146 5.33 -0.67 2.04
C LEU A 146 5.75 -2.01 1.43
N CYS A 147 4.83 -2.60 0.70
CA CYS A 147 5.05 -3.83 0.02
C CYS A 147 4.44 -3.76 -1.38
N ASP A 148 4.64 -4.78 -2.19
CA ASP A 148 3.94 -4.89 -3.49
C ASP A 148 4.16 -3.70 -4.47
N PHE A 149 5.38 -3.17 -4.48
CA PHE A 149 5.74 -2.18 -5.49
C PHE A 149 6.31 -2.85 -6.75
N GLY A 150 6.28 -2.13 -7.85
CA GLY A 150 6.66 -2.73 -9.12
C GLY A 150 8.13 -2.56 -9.39
N VAL A 151 8.88 -3.62 -9.17
CA VAL A 151 10.29 -3.60 -9.45
C VAL A 151 10.52 -4.22 -10.81
N SER A 152 9.57 -5.02 -11.28
CA SER A 152 9.86 -5.79 -12.47
C SER A 152 9.00 -5.37 -13.65
N GLY A 153 9.66 -4.74 -14.62
CA GLY A 153 9.01 -4.28 -15.83
C GLY A 153 8.19 -5.39 -16.46
N GLN A 154 8.83 -6.55 -16.62
CA GLN A 154 8.12 -7.67 -17.22
C GLN A 154 6.96 -8.18 -16.39
N LEU A 155 7.02 -8.02 -15.07
CA LEU A 155 5.96 -8.57 -14.22
C LEU A 155 4.76 -7.64 -14.25
N ILE A 156 5.03 -6.34 -14.18
CA ILE A 156 4.00 -5.36 -14.50
C ILE A 156 3.24 -5.82 -15.79
N ASP A 157 3.97 -6.26 -16.82
CA ASP A 157 3.30 -6.73 -18.03
C ASP A 157 2.39 -7.93 -17.83
N SER A 158 2.92 -9.06 -17.36
CA SER A 158 2.12 -10.27 -17.32
C SER A 158 0.96 -10.16 -16.33
N MET A 159 0.93 -9.06 -15.62
CA MET A 159 -0.10 -8.83 -14.64
C MET A 159 -1.10 -7.74 -15.04
N ALA A 160 -0.96 -7.25 -16.28
CA ALA A 160 -1.78 -6.14 -16.78
C ALA A 160 -3.26 -6.54 -16.87
N ASN A 161 -3.48 -7.82 -17.14
CA ASN A 161 -4.81 -8.37 -17.44
C ASN A 161 -5.97 -8.31 -16.44
N SER A 162 -5.75 -7.75 -15.24
CA SER A 162 -6.83 -7.64 -14.24
C SER A 162 -6.56 -6.61 -13.15
N PHE A 163 -7.65 -6.00 -12.67
CA PHE A 163 -7.61 -5.06 -11.55
C PHE A 163 -8.87 -5.21 -10.67
N VAL A 164 -8.81 -4.66 -9.46
CA VAL A 164 -9.92 -4.72 -8.47
C VAL A 164 -11.16 -4.01 -9.01
N GLY A 165 -12.24 -4.78 -9.21
CA GLY A 165 -13.45 -4.31 -9.91
C GLY A 165 -14.40 -3.41 -9.13
N THR A 166 -14.24 -3.30 -7.81
CA THR A 166 -14.95 -2.30 -6.99
C THR A 166 -14.00 -1.11 -6.70
N ARG A 167 -13.41 -1.00 -5.50
CA ARG A 167 -12.55 0.14 -5.18
C ARG A 167 -11.32 0.34 -6.09
N SER A 168 -11.19 1.55 -6.65
CA SER A 168 -9.94 1.99 -7.23
C SER A 168 -9.18 3.08 -6.48
N TYR A 169 -7.87 2.87 -6.37
CA TYR A 169 -7.00 3.89 -5.81
C TYR A 169 -6.19 4.53 -6.90
N MET A 170 -6.59 4.33 -8.15
CA MET A 170 -5.83 4.86 -9.26
C MET A 170 -6.13 6.33 -9.48
N SER A 171 -5.09 7.08 -9.85
CA SER A 171 -5.22 8.51 -10.07
C SER A 171 -6.05 8.73 -11.28
N PRO A 172 -6.71 9.89 -11.36
CA PRO A 172 -7.45 10.19 -12.60
C PRO A 172 -6.58 10.14 -13.85
N GLU A 173 -5.30 10.57 -13.77
CA GLU A 173 -4.48 10.53 -14.99
C GLU A 173 -4.16 9.11 -15.42
N ARG A 174 -3.92 8.22 -14.45
CA ARG A 174 -3.71 6.81 -14.74
C ARG A 174 -4.99 6.10 -15.21
N LEU A 175 -6.15 6.44 -14.64
CA LEU A 175 -7.38 5.91 -15.21
C LEU A 175 -7.63 6.34 -16.67
N GLN A 176 -7.08 7.46 -17.12
CA GLN A 176 -7.34 7.94 -18.47
C GLN A 176 -6.30 7.61 -19.52
N GLY A 177 -5.11 7.17 -19.14
CA GLY A 177 -4.12 6.96 -20.19
C GLY A 177 -2.78 6.52 -19.67
N THR A 178 -1.79 6.57 -20.55
CA THR A 178 -0.37 6.33 -20.23
C THR A 178 0.27 7.52 -19.45
N HIS A 179 -0.25 8.73 -19.69
CA HIS A 179 0.38 9.94 -19.15
C HIS A 179 0.31 10.00 -17.62
N TYR A 180 1.08 9.14 -16.94
CA TYR A 180 1.23 9.22 -15.49
C TYR A 180 2.62 8.73 -15.08
N SER A 181 3.01 8.96 -13.81
CA SER A 181 4.30 8.55 -13.27
C SER A 181 4.21 8.68 -11.74
N VAL A 182 5.28 9.06 -11.04
CA VAL A 182 5.33 9.05 -9.57
C VAL A 182 4.25 9.83 -8.89
N GLN A 183 3.79 10.93 -9.51
CA GLN A 183 2.77 11.75 -8.90
C GLN A 183 1.51 10.96 -8.66
N SER A 184 1.31 9.93 -9.47
CA SER A 184 0.18 9.04 -9.30
C SER A 184 0.07 8.39 -7.91
N ASP A 185 1.21 8.07 -7.33
CA ASP A 185 1.29 7.46 -6.05
C ASP A 185 0.84 8.38 -4.96
N ILE A 186 0.94 9.70 -5.20
CA ILE A 186 0.56 10.70 -4.23
C ILE A 186 -0.92 10.67 -4.10
N TRP A 187 -1.60 10.58 -5.25
CA TRP A 187 -3.05 10.51 -5.29
C TRP A 187 -3.49 9.30 -4.46
N SER A 188 -2.89 8.13 -4.70
CA SER A 188 -3.37 6.88 -4.03
C SER A 188 -3.18 6.99 -2.53
N MET A 189 -2.05 7.56 -2.12
CA MET A 189 -1.78 7.72 -0.69
C MET A 189 -2.83 8.62 -0.06
N GLY A 190 -3.20 9.67 -0.79
CA GLY A 190 -4.14 10.64 -0.29
C GLY A 190 -5.45 9.96 -0.08
N LEU A 191 -5.90 9.25 -1.13
CA LEU A 191 -7.17 8.56 -1.02
C LEU A 191 -7.19 7.54 0.11
N SER A 192 -6.08 6.83 0.30
CA SER A 192 -5.98 5.83 1.35
C SER A 192 -6.12 6.43 2.74
N LEU A 193 -5.52 7.62 2.93
CA LEU A 193 -5.60 8.30 4.19
C LEU A 193 -7.04 8.70 4.49
N VAL A 194 -7.74 9.17 3.48
CA VAL A 194 -9.11 9.54 3.71
C VAL A 194 -9.90 8.31 4.09
N GLU A 195 -9.67 7.21 3.39
CA GLU A 195 -10.44 6.02 3.71
C GLU A 195 -10.22 5.64 5.15
N MET A 196 -8.96 5.72 5.58
CA MET A 196 -8.58 5.19 6.88
C MET A 196 -9.00 6.13 8.00
N ALA A 197 -9.01 7.42 7.66
CA ALA A 197 -9.45 8.45 8.53
C ALA A 197 -10.91 8.30 8.81
N VAL A 198 -11.65 7.76 7.85
CA VAL A 198 -13.10 7.96 7.81
C VAL A 198 -13.89 6.66 8.05
N GLY A 199 -13.27 5.53 7.74
CA GLY A 199 -13.86 4.26 8.06
C GLY A 199 -14.45 3.52 6.87
N ARG A 200 -14.40 4.15 5.70
CA ARG A 200 -14.82 3.48 4.47
C ARG A 200 -14.32 4.18 3.22
N TYR A 201 -14.24 3.41 2.15
CA TYR A 201 -13.83 3.94 0.88
C TYR A 201 -14.64 5.19 0.57
N PRO A 202 -13.95 6.33 0.39
CA PRO A 202 -14.51 7.66 0.37
C PRO A 202 -15.18 8.11 -0.92
N ILE A 203 -15.43 7.22 -1.85
CA ILE A 203 -16.11 7.58 -3.10
C ILE A 203 -17.30 6.68 -3.28
N PRO A 204 -18.52 7.22 -3.37
CA PRO A 204 -18.98 8.59 -3.27
C PRO A 204 -18.83 9.10 -1.86
N PRO A 205 -18.72 10.42 -1.72
CA PRO A 205 -18.46 11.04 -0.43
C PRO A 205 -19.67 10.90 0.47
N PRO A 206 -19.43 10.83 1.78
CA PRO A 206 -20.50 10.67 2.76
C PRO A 206 -21.58 11.73 2.62
N ASP A 207 -22.80 11.22 2.61
CA ASP A 207 -24.05 11.97 2.60
C ASP A 207 -24.10 13.02 3.75
N ALA A 208 -24.80 14.13 3.49
CA ALA A 208 -24.96 15.22 4.48
C ALA A 208 -25.22 14.70 5.91
N LYS A 209 -26.29 13.91 6.08
CA LYS A 209 -26.62 13.32 7.38
C LYS A 209 -25.85 12.02 7.75
N GLU A 210 -25.23 11.39 6.75
CA GLU A 210 -24.38 10.20 6.95
C GLU A 210 -23.07 10.57 7.68
N LEU A 211 -22.74 11.86 7.64
CA LEU A 211 -21.56 12.43 8.30
C LEU A 211 -21.63 12.46 9.82
N GLU A 212 -22.67 13.06 10.37
CA GLU A 212 -22.87 13.06 11.83
C GLU A 212 -23.49 11.73 12.31
N LEU A 213 -23.82 10.87 11.35
CA LEU A 213 -24.09 9.44 11.62
C LEU A 213 -22.80 8.70 12.02
N MET A 214 -21.74 8.77 11.21
CA MET A 214 -20.40 8.24 11.58
C MET A 214 -19.86 8.99 12.81
N PHE A 215 -19.94 10.32 12.76
CA PHE A 215 -19.54 11.22 13.85
C PHE A 215 -20.77 11.85 14.52
N PRO A 247 -23.17 0.52 -2.73
CA PRO A 247 -23.17 -0.30 -3.96
C PRO A 247 -23.08 0.54 -5.26
N MET A 248 -21.86 0.74 -5.81
CA MET A 248 -21.64 1.53 -7.08
C MET A 248 -21.14 0.76 -8.32
N ALA A 249 -21.49 1.20 -9.53
CA ALA A 249 -21.06 0.47 -10.74
C ALA A 249 -19.68 0.89 -11.26
N ILE A 250 -19.10 0.04 -12.12
CA ILE A 250 -17.71 0.21 -12.49
C ILE A 250 -17.50 1.58 -13.10
N PHE A 251 -18.18 1.83 -14.21
CA PHE A 251 -18.06 3.10 -14.88
C PHE A 251 -18.46 4.30 -14.00
N GLU A 252 -19.57 4.19 -13.30
CA GLU A 252 -19.99 5.20 -12.36
C GLU A 252 -18.87 5.61 -11.40
N LEU A 253 -18.20 4.62 -10.84
CA LEU A 253 -17.18 4.91 -9.87
C LEU A 253 -15.98 5.61 -10.55
N LEU A 254 -15.56 5.12 -11.70
CA LEU A 254 -14.39 5.65 -12.35
C LEU A 254 -14.71 7.03 -12.86
N ASP A 255 -15.91 7.23 -13.35
CA ASP A 255 -16.36 8.52 -13.84
C ASP A 255 -16.44 9.52 -12.74
N TYR A 256 -16.75 9.05 -11.55
CA TYR A 256 -16.64 9.88 -10.40
C TYR A 256 -15.19 10.36 -10.16
N ILE A 257 -14.22 9.43 -10.09
CA ILE A 257 -12.86 9.81 -9.83
C ILE A 257 -12.35 10.83 -10.87
N VAL A 258 -12.75 10.67 -12.12
CA VAL A 258 -12.16 11.46 -13.19
C VAL A 258 -12.83 12.82 -13.30
N ASN A 259 -14.16 12.84 -13.26
CA ASN A 259 -14.86 14.06 -13.58
C ASN A 259 -15.44 14.80 -12.39
N GLU A 260 -15.38 14.23 -11.21
CA GLU A 260 -16.02 14.91 -10.08
C GLU A 260 -15.01 15.48 -9.07
N PRO A 261 -15.45 16.46 -8.28
CA PRO A 261 -14.46 17.02 -7.38
C PRO A 261 -13.94 15.94 -6.46
N PRO A 262 -12.64 15.98 -6.13
CA PRO A 262 -12.01 14.97 -5.29
C PRO A 262 -12.58 14.96 -3.87
N PRO A 263 -12.47 13.82 -3.17
CA PRO A 263 -12.92 13.74 -1.78
C PRO A 263 -12.10 14.63 -0.82
N LYS A 264 -12.75 15.10 0.24
CA LYS A 264 -12.23 16.06 1.22
C LYS A 264 -12.37 15.29 2.49
N LEU A 265 -11.56 15.57 3.49
CA LEU A 265 -11.97 15.25 4.87
C LEU A 265 -13.15 16.15 5.29
N PRO A 266 -14.05 15.61 6.11
CA PRO A 266 -15.07 16.43 6.72
C PRO A 266 -14.44 17.51 7.57
N SER A 267 -15.00 18.70 7.46
CA SER A 267 -14.60 19.84 8.25
C SER A 267 -14.94 19.62 9.74
N GLY A 268 -14.04 20.04 10.62
CA GLY A 268 -14.33 20.09 12.07
C GLY A 268 -13.61 19.10 12.98
N VAL A 269 -13.71 17.81 12.67
CA VAL A 269 -13.09 16.78 13.52
C VAL A 269 -11.66 16.33 13.11
N PHE A 270 -11.09 17.00 12.12
CA PHE A 270 -9.69 16.83 11.84
C PHE A 270 -9.01 18.18 11.80
N SER A 271 -7.75 18.21 12.23
CA SER A 271 -6.96 19.41 12.19
C SER A 271 -6.96 20.01 10.79
N LEU A 272 -6.89 21.34 10.70
CA LEU A 272 -6.81 22.05 9.44
C LEU A 272 -5.61 21.57 8.59
N GLU A 273 -4.53 21.17 9.28
CA GLU A 273 -3.29 20.76 8.62
C GLU A 273 -3.43 19.42 7.88
N PHE A 274 -4.18 18.51 8.48
CA PHE A 274 -4.48 17.24 7.87
C PHE A 274 -5.35 17.46 6.65
N GLN A 275 -6.40 18.25 6.80
CA GLN A 275 -7.33 18.52 5.74
C GLN A 275 -6.60 19.07 4.53
N ASP A 276 -5.61 19.90 4.80
CA ASP A 276 -4.93 20.57 3.73
C ASP A 276 -3.93 19.59 3.12
N PHE A 277 -3.38 18.72 3.94
CA PHE A 277 -2.40 17.76 3.46
C PHE A 277 -3.08 16.81 2.43
N VAL A 278 -4.20 16.21 2.79
CA VAL A 278 -4.88 15.39 1.84
C VAL A 278 -5.40 16.22 0.64
N ASN A 279 -5.85 17.47 0.89
CA ASN A 279 -6.21 18.32 -0.21
C ASN A 279 -5.05 18.43 -1.17
N LYS A 280 -3.85 18.59 -0.65
CA LYS A 280 -2.71 18.76 -1.50
C LYS A 280 -2.43 17.47 -2.29
N CYS A 281 -2.79 16.34 -1.71
CA CYS A 281 -2.56 15.04 -2.35
C CYS A 281 -3.60 14.71 -3.43
N LEU A 282 -4.80 15.26 -3.25
CA LEU A 282 -5.92 14.86 -4.06
C LEU A 282 -6.26 15.86 -5.14
N ILE A 283 -5.28 16.65 -5.55
CA ILE A 283 -5.49 17.61 -6.64
C ILE A 283 -5.51 16.83 -7.96
N LYS A 284 -6.51 17.05 -8.81
CA LYS A 284 -6.64 16.24 -10.02
C LYS A 284 -5.47 16.40 -10.99
N ASN A 285 -4.97 17.62 -11.12
CA ASN A 285 -3.88 17.85 -12.04
C ASN A 285 -2.57 17.39 -11.40
N PRO A 286 -1.90 16.42 -12.03
CA PRO A 286 -0.70 15.80 -11.40
C PRO A 286 0.50 16.77 -11.20
N ALA A 287 0.60 17.81 -12.02
CA ALA A 287 1.68 18.80 -11.90
C ALA A 287 1.40 19.82 -10.75
N GLU A 288 0.15 20.21 -10.56
CA GLU A 288 -0.24 21.05 -9.43
C GLU A 288 -0.24 20.25 -8.10
N ARG A 289 -0.60 18.98 -8.16
CA ARG A 289 -0.63 18.11 -6.98
C ARG A 289 0.72 18.24 -6.24
N ALA A 290 0.76 18.08 -4.93
CA ALA A 290 2.03 18.11 -4.20
C ALA A 290 2.93 16.92 -4.51
N ASP A 291 4.24 17.07 -4.44
CA ASP A 291 5.12 15.94 -4.62
C ASP A 291 5.76 15.54 -3.30
N LEU A 292 6.53 14.44 -3.35
CA LEU A 292 7.18 13.91 -2.16
C LEU A 292 7.99 14.99 -1.44
N LYS A 293 8.76 15.81 -2.16
CA LYS A 293 9.58 16.75 -1.45
C LYS A 293 8.80 17.86 -0.75
N GLN A 294 7.57 18.14 -1.19
CA GLN A 294 6.79 19.20 -0.57
C GLN A 294 6.01 18.68 0.59
N LEU A 295 5.54 17.45 0.48
CA LEU A 295 4.81 16.84 1.58
C LEU A 295 5.71 16.55 2.79
N MET A 296 6.97 16.24 2.49
CA MET A 296 7.96 15.98 3.53
C MET A 296 8.11 17.21 4.47
N VAL A 297 7.89 18.43 3.95
CA VAL A 297 8.05 19.59 4.79
C VAL A 297 6.68 20.24 5.08
N HIS A 298 5.61 19.48 4.87
CA HIS A 298 4.23 19.97 5.15
C HIS A 298 3.94 20.06 6.65
N ALA A 299 3.17 21.07 7.04
CA ALA A 299 2.79 21.31 8.44
C ALA A 299 2.32 20.05 9.17
N PHE A 300 1.56 19.20 8.48
CA PHE A 300 0.97 18.01 9.08
C PHE A 300 2.08 16.99 9.45
N ILE A 301 3.11 16.93 8.61
CA ILE A 301 4.26 16.05 8.84
C ILE A 301 5.21 16.60 9.93
N LYS A 302 5.63 17.86 9.75
CA LYS A 302 6.36 18.59 10.78
C LYS A 302 5.74 18.32 12.17
N ARG A 303 4.45 18.64 12.31
CA ARG A 303 3.68 18.28 13.50
C ARG A 303 3.72 16.75 13.88
N SER A 304 3.32 15.81 13.00
CA SER A 304 3.30 14.40 13.43
C SER A 304 4.70 13.88 13.74
N ASP A 305 5.67 14.48 13.08
CA ASP A 305 7.06 14.07 13.26
C ASP A 305 7.53 14.35 14.74
N ALA A 306 7.03 15.46 15.32
CA ALA A 306 7.28 15.77 16.74
C ALA A 306 6.58 14.83 17.73
N GLU A 307 5.41 14.31 17.34
CA GLU A 307 4.54 13.68 18.33
C GLU A 307 5.07 12.36 18.91
N GLU A 308 4.90 12.19 20.22
CA GLU A 308 5.28 10.94 20.87
C GLU A 308 4.04 10.06 20.86
N VAL A 309 4.01 9.19 19.87
CA VAL A 309 2.87 8.36 19.64
C VAL A 309 3.30 6.93 19.84
N ASP A 310 2.53 6.20 20.65
CA ASP A 310 2.82 4.78 20.90
C ASP A 310 2.12 3.88 19.89
N PHE A 311 2.60 3.95 18.64
CA PHE A 311 2.01 3.15 17.57
C PHE A 311 1.96 1.64 17.93
N ALA A 312 3.10 1.12 18.39
CA ALA A 312 3.13 -0.24 18.89
C ALA A 312 1.96 -0.55 19.85
N GLY A 313 1.79 0.28 20.89
CA GLY A 313 0.80 0.05 21.92
C GLY A 313 -0.61 0.18 21.40
N TRP A 314 -0.80 1.13 20.48
CA TRP A 314 -2.12 1.34 19.85
C TRP A 314 -2.59 0.14 19.00
N LEU A 315 -1.63 -0.46 18.30
CA LEU A 315 -1.92 -1.49 17.32
C LEU A 315 -2.38 -2.76 18.05
N CYS A 316 -1.74 -3.03 19.17
CA CYS A 316 -2.15 -4.18 19.95
C CYS A 316 -3.44 -3.89 20.70
N SER A 317 -3.54 -2.74 21.37
CA SER A 317 -4.81 -2.34 22.02
C SER A 317 -6.02 -2.48 21.08
N THR A 318 -5.80 -2.29 19.79
CA THR A 318 -6.91 -2.40 18.84
C THR A 318 -7.06 -3.79 18.21
N ILE A 319 -5.96 -4.53 18.00
CA ILE A 319 -6.09 -5.82 17.31
C ILE A 319 -5.82 -7.11 18.09
N GLY A 320 -5.10 -7.02 19.21
CA GLY A 320 -4.86 -8.20 20.04
C GLY A 320 -3.50 -8.87 19.96
N LEU A 321 -2.44 -8.15 20.34
CA LEU A 321 -1.08 -8.74 20.49
C LEU A 321 -0.35 -8.38 21.79
PB ADP B . -3.96 -7.20 -1.83
O1B ADP B . -2.71 -6.45 -1.42
O2B ADP B . -5.05 -7.27 -0.79
O3B ADP B . -4.40 -6.81 -3.23
PA ADP B . -2.19 -9.47 -1.79
O1A ADP B . -2.16 -10.70 -2.61
O2A ADP B . -0.98 -8.55 -2.01
O3A ADP B . -3.60 -8.76 -1.96
O5' ADP B . -2.27 -9.75 -0.24
C5' ADP B . -3.08 -10.69 0.42
C4' ADP B . -3.12 -10.27 1.90
O4' ADP B . -2.13 -10.95 2.65
C3' ADP B . -2.82 -8.81 2.11
O3' ADP B . -4.05 -8.14 2.12
C2' ADP B . -2.27 -8.77 3.51
O2' ADP B . -3.37 -8.73 4.40
C1' ADP B . -1.64 -10.12 3.67
N9 ADP B . -0.19 -10.00 3.47
C8 ADP B . 0.44 -9.80 2.33
N7 ADP B . 1.78 -9.73 2.53
C5 ADP B . 1.99 -9.90 3.86
C6 ADP B . 3.15 -9.95 4.77
N6 ADP B . 4.40 -9.79 4.28
N1 ADP B . 2.91 -10.13 6.11
C2 ADP B . 1.70 -10.26 6.64
N3 ADP B . 0.62 -10.23 5.85
C4 ADP B . 0.70 -10.06 4.49
MG MG C . -0.86 -6.49 -1.99
C1 LSG D . 6.95 -7.97 -1.82
C2 LSG D . 7.79 -6.86 -1.99
C3 LSG D . 7.78 -6.16 -3.22
C4 LSG D . 6.96 -6.54 -4.27
C5 LSG D . 6.12 -7.65 -4.15
C6 LSG D . 6.14 -8.38 -2.87
F7 LSG D . 5.33 -9.45 -2.79
I8 LSG D . 9.08 -6.23 -0.41
N9 LSG D . 5.34 -8.14 -5.15
C10 LSG D . 5.19 -7.61 -6.39
N11 LSG D . 6.19 -7.26 -7.21
C12 LSG D . 5.57 -6.74 -8.29
C13 LSG D . 4.15 -6.74 -8.19
C14 LSG D . 3.85 -7.31 -6.96
C15 LSG D . 2.62 -7.67 -6.21
O16 LSG D . 2.74 -8.35 -5.17
N17 LSG D . 1.41 -7.35 -6.66
O18 LSG D . 0.21 -7.86 -5.95
C19 LSG D . -1.10 -8.03 -6.55
C20 LSG D . -1.92 -9.03 -5.74
O21 LSG D . -3.29 -8.99 -6.23
C22 LSG D . 7.63 -7.39 -6.93
C23 LSG D . 6.31 -6.18 -9.46
O24 LSG D . 7.53 -6.07 -9.52
C25 LSG D . 5.38 -5.75 -10.54
#